data_1PYL
#
_entry.id   1PYL
#
_cell.length_a   84.980
_cell.length_b   34.130
_cell.length_c   72.270
_cell.angle_alpha   90.00
_cell.angle_beta   109.50
_cell.angle_gamma   90.00
#
_symmetry.space_group_name_H-M   'C 1 2 1'
#
loop_
_entity.id
_entity.type
_entity.pdbx_description
1 polymer ribonuclease
2 non-polymer 'SULFATE ION'
3 water water
#
_entity_poly.entity_id   1
_entity_poly.type   'polypeptide(L)'
_entity_poly.pdbx_seq_one_letter_code
;ADPALADVCRTKLPSQAQDTLALIAKNGPYPYNRDGVVFENRESRLPKKGNGYYHEFTVVTPGSNDRGTRRVVTGGYGEQ
YWSPDHYATFQEIDPRC
;
_entity_poly.pdbx_strand_id   A,B
#
loop_
_chem_comp.id
_chem_comp.type
_chem_comp.name
_chem_comp.formula
SO4 non-polymer 'SULFATE ION' 'O4 S -2'
#
# COMPACT_ATOMS: atom_id res chain seq x y z
CA ASP A 2 0.18 -5.98 -15.74
C ASP A 2 -0.73 -5.04 -16.55
N PRO A 3 -1.97 -4.80 -16.07
CA PRO A 3 -2.91 -3.97 -16.82
C PRO A 3 -2.51 -2.50 -16.76
N ALA A 4 -2.91 -1.79 -17.81
CA ALA A 4 -2.59 -0.40 -17.98
C ALA A 4 -3.36 0.45 -16.97
N LEU A 5 -2.84 1.66 -16.78
CA LEU A 5 -3.53 2.70 -16.05
C LEU A 5 -4.18 3.65 -17.03
N ALA A 6 -5.24 4.32 -16.61
CA ALA A 6 -5.84 5.37 -17.40
C ALA A 6 -4.84 6.53 -17.50
N ASP A 7 -4.94 7.30 -18.57
CA ASP A 7 -4.10 8.48 -18.79
C ASP A 7 -4.90 9.77 -18.55
N VAL A 8 -4.20 10.80 -18.09
CA VAL A 8 -4.77 12.13 -17.98
C VAL A 8 -3.78 13.12 -18.58
N CYS A 9 -4.26 13.97 -19.48
CA CYS A 9 -3.43 15.02 -20.03
C CYS A 9 -3.05 16.00 -18.95
N ARG A 10 -1.79 16.45 -18.96
CA ARG A 10 -1.34 17.42 -18.00
C ARG A 10 -2.26 18.64 -17.94
N THR A 11 -2.70 19.15 -19.10
CA THR A 11 -3.52 20.37 -19.07
C THR A 11 -4.93 20.14 -18.56
N LYS A 12 -5.33 18.89 -18.39
CA LYS A 12 -6.65 18.54 -17.87
C LYS A 12 -6.62 18.29 -16.35
N LEU A 13 -5.44 18.39 -15.74
CA LEU A 13 -5.33 18.31 -14.28
C LEU A 13 -5.86 19.58 -13.63
N PRO A 14 -6.29 19.49 -12.37
CA PRO A 14 -6.60 20.71 -11.61
C PRO A 14 -5.40 21.62 -11.58
N SER A 15 -5.63 22.93 -11.53
CA SER A 15 -4.50 23.86 -11.60
C SER A 15 -3.47 23.63 -10.50
N GLN A 16 -3.90 23.27 -9.29
CA GLN A 16 -2.93 22.99 -8.24
C GLN A 16 -2.03 21.80 -8.54
N ALA A 17 -2.57 20.82 -9.25
CA ALA A 17 -1.75 19.66 -9.63
C ALA A 17 -0.68 20.08 -10.64
N GLN A 18 -1.06 20.95 -11.57
CA GLN A 18 -0.08 21.48 -12.52
C GLN A 18 1.00 22.28 -11.79
N ASP A 19 0.59 23.07 -10.79
CA ASP A 19 1.54 23.81 -9.95
C ASP A 19 2.54 22.89 -9.26
N THR A 20 2.07 21.76 -8.74
CA THR A 20 2.94 20.81 -8.09
C THR A 20 3.94 20.21 -9.08
N LEU A 21 3.51 19.90 -10.29
CA LEU A 21 4.46 19.40 -11.29
C LEU A 21 5.57 20.41 -11.59
N ALA A 22 5.21 21.68 -11.63
CA ALA A 22 6.22 22.71 -11.86
C ALA A 22 7.20 22.81 -10.68
N LEU A 23 6.72 22.66 -9.44
CA LEU A 23 7.60 22.63 -8.27
C LEU A 23 8.56 21.43 -8.31
N ILE A 24 8.05 20.26 -8.70
CA ILE A 24 8.88 19.08 -8.78
C ILE A 24 9.99 19.31 -9.80
N ALA A 25 9.65 19.91 -10.93
CA ALA A 25 10.63 20.12 -11.98
C ALA A 25 11.75 21.08 -11.53
N LYS A 26 11.44 21.97 -10.59
CA LYS A 26 12.43 22.91 -10.02
C LYS A 26 13.07 22.43 -8.73
N ASN A 27 12.68 21.26 -8.24
CA ASN A 27 13.13 20.70 -6.96
C ASN A 27 12.75 21.55 -5.74
N GLY A 28 11.57 22.11 -5.78
CA GLY A 28 11.00 22.77 -4.62
C GLY A 28 11.01 24.28 -4.77
N PRO A 29 10.67 25.02 -3.71
CA PRO A 29 10.40 24.49 -2.38
C PRO A 29 9.00 23.91 -2.29
N TYR A 30 8.79 23.05 -1.33
CA TYR A 30 7.55 22.32 -1.20
C TYR A 30 6.80 22.80 0.04
N PRO A 31 5.48 22.91 -0.05
CA PRO A 31 4.69 23.40 1.08
C PRO A 31 4.64 22.49 2.29
N TYR A 32 4.83 21.18 2.12
CA TYR A 32 4.65 20.23 3.21
C TYR A 32 5.91 19.45 3.48
N ASN A 33 6.11 19.14 4.76
CA ASN A 33 7.26 18.36 5.19
C ASN A 33 7.31 16.93 4.65
N ARG A 34 6.15 16.33 4.41
CA ARG A 34 6.10 15.00 3.81
C ARG A 34 6.30 15.01 2.29
N ASP A 35 6.38 16.18 1.67
CA ASP A 35 6.61 16.22 0.23
C ASP A 35 8.00 15.66 -0.08
N GLY A 36 8.07 14.73 -1.01
CA GLY A 36 9.30 14.15 -1.45
C GLY A 36 9.69 12.87 -0.73
N VAL A 37 8.90 12.41 0.22
CA VAL A 37 9.25 11.16 0.87
C VAL A 37 8.96 9.97 -0.05
N VAL A 38 9.62 8.85 0.23
CA VAL A 38 9.45 7.64 -0.57
C VAL A 38 8.03 7.14 -0.42
N PHE A 39 7.48 6.73 -1.55
CA PHE A 39 6.17 6.08 -1.62
C PHE A 39 6.46 4.61 -1.86
N GLU A 40 6.11 3.75 -0.90
CA GLU A 40 6.54 2.36 -0.97
C GLU A 40 5.72 1.51 -1.94
N ASN A 41 4.50 1.91 -2.28
CA ASN A 41 3.69 1.16 -3.23
C ASN A 41 3.54 -0.29 -2.82
N ARG A 42 3.25 -0.50 -1.54
CA ARG A 42 3.23 -1.87 -1.00
C ARG A 42 2.24 -2.79 -1.67
N GLU A 43 1.08 -2.26 -2.02
CA GLU A 43 0.02 -3.03 -2.66
C GLU A 43 0.08 -3.09 -4.19
N SER A 44 1.16 -2.57 -4.76
CA SER A 44 1.45 -2.69 -6.20
C SER A 44 0.36 -2.24 -7.14
N ARG A 45 -0.29 -1.13 -6.81
CA ARG A 45 -1.19 -0.53 -7.77
C ARG A 45 -0.41 0.15 -8.90
N LEU A 46 0.77 0.68 -8.60
CA LEU A 46 1.71 1.13 -9.60
C LEU A 46 2.66 -0.01 -9.93
N PRO A 47 3.28 -0.01 -11.10
CA PRO A 47 4.26 -1.07 -11.45
C PRO A 47 5.29 -1.30 -10.35
N LYS A 48 5.56 -2.57 -10.05
CA LYS A 48 6.45 -2.93 -8.97
C LYS A 48 7.87 -2.58 -9.37
N LYS A 49 8.54 -1.85 -8.48
CA LYS A 49 9.91 -1.42 -8.71
C LYS A 49 10.71 -1.51 -7.43
N GLY A 50 12.01 -1.27 -7.52
CA GLY A 50 12.87 -1.28 -6.35
C GLY A 50 12.56 -0.23 -5.30
N ASN A 51 13.11 -0.43 -4.12
CA ASN A 51 12.93 0.48 -2.99
C ASN A 51 13.41 1.86 -3.41
N GLY A 52 12.60 2.88 -3.17
CA GLY A 52 12.96 4.25 -3.44
C GLY A 52 12.69 4.76 -4.84
N TYR A 53 12.13 3.92 -5.70
CA TYR A 53 11.80 4.33 -7.06
C TYR A 53 10.75 5.46 -7.12
N TYR A 54 9.79 5.41 -6.21
CA TYR A 54 8.66 6.33 -6.18
C TYR A 54 8.73 7.30 -5.04
N HIS A 55 8.34 8.56 -5.33
CA HIS A 55 8.20 9.58 -4.28
C HIS A 55 6.83 10.23 -4.38
N GLU A 56 6.35 10.72 -3.25
CA GLU A 56 5.01 11.33 -3.17
C GLU A 56 5.11 12.83 -2.86
N PHE A 57 4.15 13.56 -3.38
CA PHE A 57 4.00 15.01 -3.20
C PHE A 57 2.53 15.32 -3.00
N THR A 58 2.27 16.26 -2.09
CA THR A 58 0.93 16.78 -1.90
C THR A 58 0.56 17.76 -2.97
N VAL A 59 -0.67 17.68 -3.42
CA VAL A 59 -1.24 18.72 -4.28
C VAL A 59 -2.22 19.48 -3.38
N VAL A 60 -2.10 20.80 -3.35
CA VAL A 60 -2.95 21.59 -2.47
C VAL A 60 -4.41 21.44 -2.83
N THR A 61 -5.26 21.29 -1.81
CA THR A 61 -6.69 21.40 -1.95
C THR A 61 -7.07 22.82 -1.41
N PRO A 62 -7.40 23.75 -2.28
CA PRO A 62 -7.50 25.15 -1.83
C PRO A 62 -8.62 25.46 -0.85
N GLY A 63 -9.72 24.74 -0.92
CA GLY A 63 -10.91 25.09 -0.14
C GLY A 63 -11.09 24.38 1.17
N SER A 64 -10.07 23.64 1.59
CA SER A 64 -10.08 22.95 2.87
C SER A 64 -8.98 23.48 3.77
N ASN A 65 -9.23 23.34 5.06
CA ASN A 65 -8.28 23.70 6.11
C ASN A 65 -7.16 22.66 6.19
N ASP A 66 -7.53 21.40 5.95
CA ASP A 66 -6.62 20.26 6.09
C ASP A 66 -5.80 19.99 4.81
N ARG A 67 -4.86 19.06 4.91
CA ARG A 67 -3.95 18.73 3.80
C ARG A 67 -4.71 18.22 2.57
N GLY A 68 -5.74 17.41 2.77
CA GLY A 68 -6.58 16.86 1.73
C GLY A 68 -5.99 15.58 1.12
N THR A 69 -6.61 15.08 0.07
CA THR A 69 -6.32 13.73 -0.46
C THR A 69 -5.61 13.70 -1.82
N ARG A 70 -5.28 14.87 -2.37
CA ARG A 70 -4.73 14.94 -3.71
C ARG A 70 -3.22 14.75 -3.68
N ARG A 71 -2.71 13.90 -4.58
CA ARG A 71 -1.29 13.54 -4.57
C ARG A 71 -0.76 13.36 -5.99
N VAL A 72 0.54 13.63 -6.13
CA VAL A 72 1.32 13.22 -7.29
C VAL A 72 2.38 12.27 -6.81
N VAL A 73 2.58 11.20 -7.57
CA VAL A 73 3.69 10.28 -7.35
C VAL A 73 4.58 10.32 -8.57
N THR A 74 5.89 10.45 -8.34
CA THR A 74 6.87 10.42 -9.42
C THR A 74 7.60 9.10 -9.39
N GLY A 75 8.02 8.67 -10.57
CA GLY A 75 8.92 7.54 -10.72
C GLY A 75 10.33 7.94 -11.12
N GLY A 76 11.21 6.95 -11.04
CA GLY A 76 12.62 7.15 -11.22
C GLY A 76 13.08 7.51 -12.61
N TYR A 77 12.24 7.34 -13.63
CA TYR A 77 12.57 7.79 -14.98
C TYR A 77 11.78 9.03 -15.40
N GLY A 78 11.16 9.70 -14.43
CA GLY A 78 10.41 10.94 -14.68
C GLY A 78 8.94 10.73 -15.00
N GLU A 79 8.46 9.51 -14.83
CA GLU A 79 7.01 9.19 -14.89
C GLU A 79 6.31 9.97 -13.81
N GLN A 80 5.08 10.40 -14.10
CA GLN A 80 4.28 11.13 -13.14
C GLN A 80 2.87 10.53 -13.08
N TYR A 81 2.35 10.36 -11.87
CA TYR A 81 1.03 9.79 -11.62
C TYR A 81 0.22 10.70 -10.75
N TRP A 82 -1.05 10.82 -11.08
CA TRP A 82 -2.03 11.60 -10.34
C TRP A 82 -2.96 10.71 -9.53
N SER A 83 -3.23 11.07 -8.29
CA SER A 83 -4.26 10.38 -7.50
C SER A 83 -5.11 11.41 -6.78
N PRO A 84 -6.40 11.48 -7.09
CA PRO A 84 -7.27 12.46 -6.44
C PRO A 84 -7.74 12.03 -5.06
N ASP A 85 -7.50 10.76 -4.74
CA ASP A 85 -8.17 10.07 -3.63
C ASP A 85 -7.20 9.27 -2.73
N HIS A 86 -6.03 9.85 -2.49
CA HIS A 86 -5.09 9.34 -1.50
C HIS A 86 -4.72 7.88 -1.83
N TYR A 87 -4.38 7.67 -3.09
CA TYR A 87 -3.76 6.46 -3.59
C TYR A 87 -4.70 5.31 -3.88
N ALA A 88 -6.00 5.53 -3.79
CA ALA A 88 -6.93 4.47 -4.14
C ALA A 88 -7.00 4.26 -5.64
N THR A 89 -6.88 5.33 -6.43
CA THR A 89 -6.80 5.23 -7.88
C THR A 89 -5.65 6.09 -8.36
N PHE A 90 -5.09 5.68 -9.48
CA PHE A 90 -4.03 6.42 -10.16
C PHE A 90 -4.33 6.56 -11.64
N GLN A 91 -3.95 7.72 -12.16
CA GLN A 91 -3.88 7.97 -13.59
C GLN A 91 -2.46 8.35 -13.93
N GLU A 92 -1.95 7.87 -15.04
CA GLU A 92 -0.63 8.35 -15.50
C GLU A 92 -0.79 9.64 -16.24
N ILE A 93 0.06 10.61 -15.90
CA ILE A 93 0.02 11.94 -16.52
C ILE A 93 0.73 11.90 -17.84
N ASP A 94 0.05 12.41 -18.87
CA ASP A 94 0.57 12.48 -20.24
C ASP A 94 1.07 13.90 -20.42
N PRO A 95 2.39 14.07 -20.46
CA PRO A 95 2.96 15.40 -20.54
C PRO A 95 2.73 16.11 -21.89
N ARG A 96 2.29 15.36 -22.89
CA ARG A 96 2.21 15.84 -24.27
C ARG A 96 0.93 16.62 -24.57
N CYS A 97 -0.04 16.60 -23.65
CA CYS A 97 -1.33 17.19 -23.94
C CYS A 97 -1.96 17.91 -22.77
N ALA B 4 -14.41 -7.05 -2.95
CA ALA B 4 -14.77 -8.48 -3.19
C ALA B 4 -13.51 -9.35 -3.20
N LEU B 5 -13.24 -10.00 -2.07
CA LEU B 5 -12.05 -10.86 -1.91
C LEU B 5 -12.46 -12.31 -1.85
N ALA B 6 -11.64 -13.17 -2.45
CA ALA B 6 -11.87 -14.61 -2.40
C ALA B 6 -11.60 -15.12 -1.00
N ASP B 7 -12.10 -16.32 -0.74
CA ASP B 7 -12.09 -16.94 0.58
C ASP B 7 -11.12 -18.08 0.59
N VAL B 8 -10.48 -18.33 1.73
CA VAL B 8 -9.67 -19.53 1.89
C VAL B 8 -9.86 -20.11 3.29
N CYS B 9 -10.05 -21.42 3.38
CA CYS B 9 -10.14 -22.10 4.65
C CYS B 9 -8.84 -22.07 5.39
N ARG B 10 -8.92 -21.80 6.68
CA ARG B 10 -7.76 -21.81 7.52
C ARG B 10 -6.96 -23.12 7.37
N THR B 11 -7.63 -24.27 7.40
CA THR B 11 -6.90 -25.55 7.31
C THR B 11 -6.26 -25.81 5.95
N LYS B 12 -6.54 -24.99 4.94
CA LYS B 12 -5.94 -25.16 3.61
C LYS B 12 -4.76 -24.24 3.33
N LEU B 13 -4.41 -23.40 4.30
CA LEU B 13 -3.22 -22.56 4.18
C LEU B 13 -1.94 -23.39 4.33
N PRO B 14 -0.81 -22.86 3.89
CA PRO B 14 0.47 -23.48 4.20
C PRO B 14 0.60 -23.67 5.72
N SER B 15 1.31 -24.70 6.15
CA SER B 15 1.36 -24.98 7.58
C SER B 15 1.99 -23.82 8.35
N GLN B 16 2.95 -23.13 7.74
CA GLN B 16 3.57 -21.97 8.43
C GLN B 16 2.52 -20.88 8.71
N ALA B 17 1.49 -20.75 7.81
N ALA B 17 1.55 -20.77 7.98
CA ALA B 17 0.40 -19.71 7.86
CA ALA B 17 0.60 -19.76 8.50
C ALA B 17 -0.71 -19.95 8.91
C ALA B 17 0.06 -20.18 9.88
N GLN B 18 -1.16 -21.19 9.05
N GLN B 18 0.09 -21.47 10.21
CA GLN B 18 -2.05 -21.53 10.14
CA GLN B 18 -0.39 -21.92 11.52
C GLN B 18 -1.34 -21.26 11.46
C GLN B 18 0.46 -21.39 12.68
N ASP B 19 -0.07 -21.63 11.53
N ASP B 19 1.77 -21.33 12.53
CA ASP B 19 0.71 -21.38 12.73
CA ASP B 19 2.63 -20.77 13.57
C ASP B 19 0.80 -19.92 13.12
C ASP B 19 2.23 -19.33 13.79
N THR B 20 0.97 -19.03 12.13
N THR B 20 2.14 -18.56 12.72
CA THR B 20 1.15 -17.60 12.41
CA THR B 20 1.70 -17.16 12.82
C THR B 20 0.08 -17.02 13.33
C THR B 20 0.23 -17.11 13.24
N LEU B 21 -1.15 -17.70 12.77
CA LEU B 21 -2.45 -17.36 13.35
C LEU B 21 -2.42 -17.70 14.84
N ALA B 22 -1.75 -18.77 15.24
CA ALA B 22 -1.66 -19.10 16.69
C ALA B 22 -0.87 -18.08 17.47
N LEU B 23 0.23 -17.55 16.91
CA LEU B 23 1.00 -16.55 17.62
C LEU B 23 0.19 -15.25 17.76
N ILE B 24 -0.55 -14.89 16.73
CA ILE B 24 -1.40 -13.69 16.78
C ILE B 24 -2.46 -13.84 17.89
N ALA B 25 -3.05 -15.03 17.99
CA ALA B 25 -4.17 -15.23 18.89
C ALA B 25 -3.68 -15.17 20.33
N LYS B 26 -2.42 -15.46 20.55
CA LYS B 26 -1.90 -15.42 21.90
C LYS B 26 -1.06 -14.14 22.14
N ASN B 27 -1.12 -13.20 21.20
CA ASN B 27 -0.43 -11.90 21.32
C ASN B 27 1.09 -12.03 21.43
N GLY B 28 1.63 -12.97 20.67
CA GLY B 28 3.07 -13.12 20.55
C GLY B 28 3.68 -14.01 21.61
N PRO B 29 4.99 -13.93 21.78
CA PRO B 29 5.90 -13.02 21.05
C PRO B 29 6.11 -13.47 19.61
N TYR B 30 6.69 -12.58 18.81
CA TYR B 30 6.84 -12.80 17.39
C TYR B 30 8.31 -12.87 16.99
N PRO B 31 8.62 -13.65 15.96
CA PRO B 31 10.04 -13.76 15.56
C PRO B 31 10.63 -12.52 14.91
N TYR B 32 9.85 -11.74 14.18
CA TYR B 32 10.41 -10.61 13.40
C TYR B 32 10.06 -9.29 14.03
N ASN B 33 10.96 -8.33 13.92
CA ASN B 33 10.73 -7.03 14.52
C ASN B 33 9.61 -6.26 13.86
N ARG B 34 9.31 -6.53 12.60
CA ARG B 34 8.17 -5.90 11.93
C ARG B 34 6.82 -6.58 12.16
N ASP B 35 6.82 -7.68 12.90
CA ASP B 35 5.57 -8.36 13.21
C ASP B 35 4.75 -7.50 14.15
N GLY B 36 3.50 -7.28 13.80
CA GLY B 36 2.56 -6.53 14.60
C GLY B 36 2.55 -5.05 14.32
N VAL B 37 3.31 -4.59 13.33
CA VAL B 37 3.26 -3.17 13.00
C VAL B 37 1.98 -2.84 12.24
N VAL B 38 1.57 -1.59 12.31
CA VAL B 38 0.40 -1.16 11.61
C VAL B 38 0.61 -1.31 10.11
N PHE B 39 -0.44 -1.76 9.43
CA PHE B 39 -0.51 -1.89 7.98
C PHE B 39 -1.44 -0.78 7.49
N GLU B 40 -0.89 0.21 6.80
CA GLU B 40 -1.70 1.39 6.51
C GLU B 40 -2.72 1.19 5.40
N ASN B 41 -2.49 0.24 4.49
CA ASN B 41 -3.45 -0.03 3.43
C ASN B 41 -3.73 1.21 2.62
N ARG B 42 -2.67 1.97 2.32
CA ARG B 42 -2.83 3.25 1.59
C ARG B 42 -3.55 3.09 0.27
N GLU B 43 -3.22 2.02 -0.46
CA GLU B 43 -3.82 1.80 -1.77
C GLU B 43 -5.18 1.10 -1.77
N SER B 44 -5.70 0.79 -0.58
CA SER B 44 -7.10 0.35 -0.42
C SER B 44 -7.47 -0.94 -1.16
N ARG B 45 -6.55 -1.90 -1.21
CA ARG B 45 -6.89 -3.22 -1.69
C ARG B 45 -7.75 -3.94 -0.67
N LEU B 46 -7.53 -3.65 0.61
CA LEU B 46 -8.45 -4.13 1.69
C LEU B 46 -9.48 -3.04 1.95
N PRO B 47 -10.64 -3.38 2.51
CA PRO B 47 -11.64 -2.35 2.81
C PRO B 47 -11.04 -1.18 3.55
N LYS B 48 -11.39 0.04 3.12
CA LYS B 48 -10.84 1.22 3.73
C LYS B 48 -11.42 1.37 5.14
N LYS B 49 -10.53 1.55 6.12
CA LYS B 49 -10.85 1.71 7.54
C LYS B 49 -9.96 2.77 8.15
N GLY B 50 -10.20 3.11 9.41
CA GLY B 50 -9.42 4.11 10.11
C GLY B 50 -8.02 3.70 10.48
N ASN B 51 -7.24 4.66 10.99
CA ASN B 51 -5.83 4.37 11.22
C ASN B 51 -5.71 3.37 12.34
N GLY B 52 -4.77 2.44 12.19
CA GLY B 52 -4.51 1.42 13.17
C GLY B 52 -5.43 0.22 13.15
N TYR B 53 -6.33 0.14 12.16
CA TYR B 53 -7.30 -0.95 12.07
C TYR B 53 -6.60 -2.26 11.69
N TYR B 54 -5.63 -2.17 10.78
CA TYR B 54 -4.91 -3.34 10.31
C TYR B 54 -3.50 -3.44 10.84
N HIS B 55 -3.04 -4.69 11.08
CA HIS B 55 -1.66 -4.99 11.43
C HIS B 55 -1.17 -6.15 10.59
N GLU B 56 0.14 -6.18 10.39
CA GLU B 56 0.77 -7.17 9.53
C GLU B 56 1.70 -8.08 10.30
N PHE B 57 1.77 -9.33 9.83
CA PHE B 57 2.62 -10.36 10.40
C PHE B 57 3.26 -11.19 9.30
N THR B 58 4.49 -11.58 9.53
CA THR B 58 5.21 -12.47 8.60
C THR B 58 4.78 -13.90 8.79
N VAL B 59 4.59 -14.58 7.67
CA VAL B 59 4.50 -16.03 7.66
C VAL B 59 5.81 -16.57 7.09
N VAL B 60 6.43 -17.50 7.80
CA VAL B 60 7.73 -18.04 7.41
C VAL B 60 7.64 -18.80 6.05
N THR B 61 8.62 -18.58 5.19
CA THR B 61 8.82 -19.37 3.97
C THR B 61 9.98 -20.31 4.27
N PRO B 62 9.75 -21.64 4.29
CA PRO B 62 10.86 -22.54 4.55
C PRO B 62 12.03 -22.37 3.60
N GLY B 63 13.23 -22.34 4.18
CA GLY B 63 14.46 -22.25 3.40
C GLY B 63 14.92 -20.84 3.09
N SER B 64 14.00 -19.89 3.13
CA SER B 64 14.32 -18.48 2.80
C SER B 64 15.39 -17.90 3.70
N ASN B 65 16.23 -17.01 3.16
CA ASN B 65 17.19 -16.30 3.98
C ASN B 65 16.62 -15.03 4.58
N ASP B 66 15.46 -14.60 4.09
CA ASP B 66 14.84 -13.36 4.55
C ASP B 66 13.38 -13.63 4.99
N ARG B 67 12.62 -12.57 5.20
CA ARG B 67 11.20 -12.70 5.51
C ARG B 67 10.34 -13.21 4.37
N GLY B 68 10.82 -13.26 3.13
CA GLY B 68 10.01 -13.76 2.04
C GLY B 68 8.77 -12.89 1.80
N THR B 69 7.79 -13.44 1.11
CA THR B 69 6.64 -12.64 0.66
C THR B 69 5.32 -12.97 1.32
N ARG B 70 5.30 -13.94 2.23
CA ARG B 70 4.02 -14.43 2.77
C ARG B 70 3.66 -13.61 3.97
N ARG B 71 2.39 -13.19 4.05
CA ARG B 71 1.92 -12.31 5.12
C ARG B 71 0.50 -12.64 5.54
N VAL B 72 0.21 -12.35 6.80
CA VAL B 72 -1.14 -12.26 7.30
C VAL B 72 -1.40 -10.82 7.77
N VAL B 73 -2.56 -10.31 7.45
CA VAL B 73 -2.99 -9.00 7.91
C VAL B 73 -4.27 -9.23 8.71
N THR B 74 -4.30 -8.69 9.92
CA THR B 74 -5.48 -8.79 10.80
C THR B 74 -6.22 -7.47 10.82
N GLY B 75 -7.53 -7.55 11.00
CA GLY B 75 -8.37 -6.39 11.22
C GLY B 75 -8.88 -6.23 12.63
N GLY B 76 -9.53 -5.10 12.88
CA GLY B 76 -9.89 -4.71 14.22
C GLY B 76 -11.06 -5.45 14.86
N TYR B 77 -11.75 -6.28 14.11
CA TYR B 77 -12.74 -7.19 14.72
C TYR B 77 -12.26 -8.66 14.69
N GLY B 78 -11.00 -8.87 14.41
CA GLY B 78 -10.41 -10.21 14.43
C GLY B 78 -10.45 -10.91 13.09
N GLU B 79 -10.87 -10.23 12.04
CA GLU B 79 -10.80 -10.80 10.72
C GLU B 79 -9.34 -10.96 10.30
N GLN B 80 -9.08 -11.95 9.46
CA GLN B 80 -7.72 -12.34 9.08
C GLN B 80 -7.66 -12.44 7.55
N TYR B 81 -6.60 -11.89 6.96
CA TYR B 81 -6.39 -11.93 5.51
C TYR B 81 -5.04 -12.56 5.22
N TRP B 82 -5.01 -13.40 4.20
CA TRP B 82 -3.76 -14.03 3.75
C TRP B 82 -3.27 -13.34 2.48
N SER B 83 -1.99 -13.08 2.39
CA SER B 83 -1.36 -12.64 1.13
C SER B 83 -0.12 -13.47 0.87
N PRO B 84 -0.07 -14.22 -0.23
CA PRO B 84 1.12 -15.00 -0.55
C PRO B 84 2.22 -14.21 -1.22
N ASP B 85 1.89 -13.02 -1.67
CA ASP B 85 2.70 -12.27 -2.65
C ASP B 85 2.93 -10.81 -2.22
N HIS B 86 3.15 -10.61 -0.94
CA HIS B 86 3.58 -9.32 -0.40
C HIS B 86 2.61 -8.21 -0.74
N TYR B 87 1.33 -8.50 -0.52
CA TYR B 87 0.23 -7.53 -0.52
C TYR B 87 -0.33 -7.20 -1.91
N ALA B 88 0.08 -7.92 -2.94
CA ALA B 88 -0.51 -7.72 -4.26
C ALA B 88 -1.92 -8.34 -4.38
N THR B 89 -2.13 -9.44 -3.66
CA THR B 89 -3.37 -10.23 -3.64
C THR B 89 -3.70 -10.49 -2.18
N PHE B 90 -4.99 -10.52 -1.85
CA PHE B 90 -5.45 -10.93 -0.53
C PHE B 90 -6.61 -11.89 -0.65
N GLN B 91 -6.67 -12.85 0.27
CA GLN B 91 -7.83 -13.69 0.45
C GLN B 91 -8.23 -13.61 1.90
N GLU B 92 -9.53 -13.55 2.19
CA GLU B 92 -9.98 -13.57 3.56
C GLU B 92 -9.96 -15.00 4.08
N ILE B 93 -9.43 -15.18 5.28
CA ILE B 93 -9.35 -16.49 5.91
C ILE B 93 -10.72 -16.80 6.53
N ASP B 94 -11.28 -17.95 6.14
CA ASP B 94 -12.50 -18.53 6.74
C ASP B 94 -12.08 -19.40 7.94
N PRO B 95 -12.47 -18.98 9.13
CA PRO B 95 -12.02 -19.68 10.34
C PRO B 95 -12.78 -20.98 10.59
N ARG B 96 -13.88 -21.19 9.84
CA ARG B 96 -14.80 -22.28 10.14
C ARG B 96 -14.38 -23.59 9.47
N CYS B 97 -13.36 -23.55 8.63
CA CYS B 97 -12.98 -24.73 7.84
C CYS B 97 -11.48 -24.87 7.65
S SO4 C . 0.38 10.52 2.81
O1 SO4 C . 0.28 10.84 1.42
O2 SO4 C . 1.73 10.69 3.24
O3 SO4 C . -0.13 9.20 3.15
O4 SO4 C . -0.43 11.47 3.54
S SO4 D . -7.81 23.63 -8.40
O1 SO4 D . -8.03 23.58 -9.86
O2 SO4 D . -6.52 23.10 -7.99
O3 SO4 D . -8.88 22.88 -7.70
O4 SO4 D . -7.92 25.05 -7.98
S SO4 E . 4.71 -24.63 3.96
O1 SO4 E . 4.54 -23.54 4.92
O2 SO4 E . 5.12 -24.01 2.69
O3 SO4 E . 3.46 -25.40 3.81
O4 SO4 E . 5.74 -25.59 4.35
S SO4 F . 6.65 -5.59 4.94
O1 SO4 F . 6.38 -4.59 3.95
O2 SO4 F . 7.81 -6.32 4.42
O3 SO4 F . 5.61 -6.59 5.02
O4 SO4 F . 6.99 -5.08 6.25
#